data_1W4Y
#
_entry.id   1W4Y
#
_cell.length_a   40.430
_cell.length_b   67.563
_cell.length_c   117.192
_cell.angle_alpha   90.00
_cell.angle_beta   90.00
_cell.angle_gamma   90.00
#
_symmetry.space_group_name_H-M   'P 21 21 21'
#
loop_
_entity.id
_entity.type
_entity.pdbx_description
1 polymer 'HORSERADISH PEROXIDASE C1A'
2 non-polymer 'PROTOPORPHYRIN IX CONTAINING FE'
3 non-polymer 'CALCIUM ION'
4 non-polymer 'CARBON MONOXIDE'
5 water water
#
_entity_poly.entity_id   1
_entity_poly.type   'polypeptide(L)'
_entity_poly.pdbx_seq_one_letter_code
;QLTPTFYDNSCPNVSNIVRDTIVNELRSDPRIAASILRLHFHDCFVNGCDASILLDNTTSFRTEKDAFGNANSARGFPVI
DRMKAAVESACPRTVSCADLLTIAAQQSVTLAGGPSWRVPLGRRDSLQAFLDLANANLPAPFFTLPQLKDSFRNVGLNRS
SDLVALSGGHTFGKNQCRFIMDRLYNFSNTGLPDPTLNTTYLQTLRGLCPLNGNLSALVDFDLRTPTIFDNKYYVNLEEQ
KGLIQSDQELFSSPNATDTIPLVRSFANSTQTFFNAFVEAMDRMGNITPLTGTQGQIRLNCRVVNSNSLLHDMVEVVDFV
SSM
;
_entity_poly.pdbx_strand_id   A
#
loop_
_chem_comp.id
_chem_comp.type
_chem_comp.name
_chem_comp.formula
CA non-polymer 'CALCIUM ION' 'Ca 2'
CMO non-polymer 'CARBON MONOXIDE' 'C O'
HEM non-polymer 'PROTOPORPHYRIN IX CONTAINING FE' 'C34 H32 Fe N4 O4'
#
# COMPACT_ATOMS: atom_id res chain seq x y z
N GLN A 1 -6.07 -11.82 20.62
CA GLN A 1 -5.74 -10.67 19.73
C GLN A 1 -4.31 -10.79 19.20
N LEU A 2 -3.98 -9.96 18.21
CA LEU A 2 -2.66 -9.99 17.59
C LEU A 2 -1.54 -9.60 18.54
N THR A 3 -0.39 -10.26 18.38
CA THR A 3 0.79 -9.98 19.21
C THR A 3 2.06 -10.12 18.36
N PRO A 4 3.04 -9.22 18.56
CA PRO A 4 4.29 -9.26 17.79
C PRO A 4 5.14 -10.52 18.00
N THR A 5 4.93 -11.21 19.12
CA THR A 5 5.71 -12.40 19.45
C THR A 5 5.07 -13.73 19.05
N PHE A 6 3.98 -13.67 18.28
CA PHE A 6 3.26 -14.87 17.86
C PHE A 6 4.11 -16.04 17.34
N TYR A 7 5.17 -15.75 16.60
CA TYR A 7 6.02 -16.80 16.03
C TYR A 7 7.40 -16.92 16.69
N ASP A 8 7.61 -16.26 17.81
CA ASP A 8 8.91 -16.31 18.47
C ASP A 8 9.32 -17.70 18.95
N ASN A 9 8.37 -18.62 19.04
CA ASN A 9 8.66 -19.99 19.45
C ASN A 9 8.51 -20.97 18.29
N SER A 10 7.48 -20.75 17.48
CA SER A 10 7.20 -21.63 16.35
C SER A 10 7.99 -21.36 15.08
N CYS A 11 8.42 -20.12 14.86
CA CYS A 11 9.20 -19.76 13.68
C CYS A 11 9.96 -18.48 13.97
N PRO A 12 10.88 -18.52 14.92
CA PRO A 12 11.69 -17.35 15.30
C PRO A 12 12.42 -16.65 14.16
N ASN A 13 12.73 -17.39 13.10
CA ASN A 13 13.46 -16.82 11.97
C ASN A 13 12.60 -16.36 10.79
N VAL A 14 11.28 -16.28 10.99
CA VAL A 14 10.40 -15.86 9.91
C VAL A 14 10.74 -14.48 9.36
N SER A 15 10.91 -13.50 10.24
CA SER A 15 11.23 -12.14 9.81
C SER A 15 12.54 -12.09 9.02
N ASN A 16 13.53 -12.87 9.46
CA ASN A 16 14.82 -12.89 8.78
C ASN A 16 14.73 -13.52 7.39
N ILE A 17 13.88 -14.54 7.24
CA ILE A 17 13.71 -15.20 5.96
C ILE A 17 13.01 -14.25 4.99
N VAL A 18 12.02 -13.52 5.50
CA VAL A 18 11.29 -12.57 4.67
C VAL A 18 12.24 -11.47 4.20
N ARG A 19 13.06 -10.97 5.12
CA ARG A 19 14.02 -9.92 4.81
C ARG A 19 15.00 -10.37 3.72
N ASP A 20 15.58 -11.56 3.90
CA ASP A 20 16.53 -12.09 2.92
C ASP A 20 15.92 -12.18 1.53
N THR A 21 14.67 -12.62 1.44
CA THR A 21 14.00 -12.74 0.15
C THR A 21 13.88 -11.38 -0.52
N ILE A 22 13.47 -10.37 0.25
CA ILE A 22 13.31 -9.03 -0.31
C ILE A 22 14.66 -8.43 -0.72
N VAL A 23 15.68 -8.61 0.11
CA VAL A 23 17.00 -8.08 -0.20
C VAL A 23 17.48 -8.62 -1.54
N ASN A 24 17.34 -9.93 -1.73
CA ASN A 24 17.75 -10.59 -2.96
C ASN A 24 16.96 -10.08 -4.17
N GLU A 25 15.66 -9.91 -4.00
CA GLU A 25 14.80 -9.46 -5.07
C GLU A 25 15.07 -8.01 -5.46
N LEU A 26 15.39 -7.19 -4.47
CA LEU A 26 15.67 -5.77 -4.70
C LEU A 26 16.82 -5.52 -5.67
N ARG A 27 17.76 -6.46 -5.74
CA ARG A 27 18.90 -6.30 -6.64
C ARG A 27 18.47 -6.33 -8.10
N SER A 28 17.49 -7.14 -8.43
CA SER A 28 17.01 -7.23 -9.81
C SER A 28 15.81 -6.31 -10.02
N ASP A 29 15.01 -6.12 -8.98
CA ASP A 29 13.83 -5.26 -9.06
C ASP A 29 13.78 -4.29 -7.87
N PRO A 30 14.31 -3.07 -8.05
CA PRO A 30 14.33 -2.03 -7.01
C PRO A 30 12.97 -1.48 -6.63
N ARG A 31 11.93 -1.93 -7.32
CA ARG A 31 10.57 -1.47 -7.08
C ARG A 31 9.78 -2.42 -6.17
N ILE A 32 10.33 -3.61 -5.95
CA ILE A 32 9.66 -4.64 -5.16
C ILE A 32 9.19 -4.26 -3.74
N ALA A 33 9.99 -3.47 -3.01
CA ALA A 33 9.60 -3.08 -1.66
C ALA A 33 8.31 -2.28 -1.69
N ALA A 34 8.25 -1.32 -2.60
CA ALA A 34 7.06 -0.49 -2.75
C ALA A 34 5.87 -1.37 -3.15
N SER A 35 6.11 -2.28 -4.08
CA SER A 35 5.08 -3.19 -4.57
C SER A 35 4.49 -4.04 -3.46
N ILE A 36 5.35 -4.52 -2.56
CA ILE A 36 4.88 -5.37 -1.47
C ILE A 36 4.05 -4.58 -0.47
N LEU A 37 4.45 -3.35 -0.18
CA LEU A 37 3.68 -2.55 0.76
C LEU A 37 2.30 -2.32 0.18
N ARG A 38 2.23 -2.07 -1.13
CA ARG A 38 0.94 -1.84 -1.78
C ARG A 38 0.06 -3.09 -1.70
N LEU A 39 0.67 -4.26 -1.78
CA LEU A 39 -0.10 -5.50 -1.70
C LEU A 39 -0.76 -5.63 -0.33
N HIS A 40 -0.01 -5.32 0.72
CA HIS A 40 -0.51 -5.40 2.09
C HIS A 40 -1.67 -4.45 2.29
N PHE A 41 -1.52 -3.22 1.79
CA PHE A 41 -2.57 -2.22 1.90
C PHE A 41 -3.84 -2.71 1.21
N HIS A 42 -3.72 -3.17 -0.03
CA HIS A 42 -4.89 -3.67 -0.73
C HIS A 42 -5.43 -4.97 -0.16
N ASP A 43 -4.63 -5.63 0.69
CA ASP A 43 -5.12 -6.85 1.32
C ASP A 43 -6.02 -6.35 2.44
N CYS A 44 -5.44 -5.55 3.33
CA CYS A 44 -6.16 -5.04 4.48
C CYS A 44 -7.47 -4.28 4.23
N PHE A 45 -7.57 -3.57 3.11
CA PHE A 45 -8.78 -2.81 2.81
C PHE A 45 -9.93 -3.63 2.24
N VAL A 46 -9.75 -4.94 2.14
CA VAL A 46 -10.81 -5.80 1.61
C VAL A 46 -10.99 -7.00 2.53
N ASN A 47 -11.96 -6.92 3.42
CA ASN A 47 -12.25 -7.98 4.40
C ASN A 47 -11.12 -8.15 5.41
N GLY A 48 -10.27 -7.14 5.55
CA GLY A 48 -9.17 -7.22 6.50
C GLY A 48 -7.94 -7.86 5.92
N CYS A 49 -6.84 -7.86 6.68
CA CYS A 49 -5.60 -8.45 6.19
C CYS A 49 -5.69 -9.97 6.41
N ASP A 50 -6.22 -10.66 5.40
CA ASP A 50 -6.46 -12.10 5.44
C ASP A 50 -5.88 -12.80 4.21
N ALA A 51 -4.98 -12.11 3.52
CA ALA A 51 -4.35 -12.65 2.31
C ALA A 51 -5.36 -13.01 1.22
N SER A 52 -6.55 -12.42 1.26
CA SER A 52 -7.56 -12.72 0.26
C SER A 52 -7.10 -12.24 -1.12
N ILE A 53 -6.27 -11.20 -1.15
CA ILE A 53 -5.78 -10.65 -2.40
C ILE A 53 -4.82 -11.59 -3.13
N LEU A 54 -4.21 -12.51 -2.39
CA LEU A 54 -3.26 -13.45 -2.99
C LEU A 54 -3.91 -14.63 -3.70
N LEU A 55 -5.20 -14.83 -3.48
CA LEU A 55 -5.90 -15.96 -4.11
C LEU A 55 -6.14 -15.77 -5.60
N ASP A 56 -5.96 -16.84 -6.36
CA ASP A 56 -6.20 -16.80 -7.80
C ASP A 56 -7.65 -17.25 -8.05
N ASN A 57 -8.09 -17.14 -9.31
CA ASN A 57 -9.44 -17.53 -9.70
C ASN A 57 -9.82 -18.98 -9.42
N THR A 58 -11.11 -19.19 -9.17
CA THR A 58 -11.68 -20.52 -8.96
C THR A 58 -13.03 -20.39 -9.67
N THR A 59 -13.72 -21.50 -9.89
CA THR A 59 -15.00 -21.41 -10.58
C THR A 59 -16.11 -20.87 -9.66
N SER A 60 -15.82 -20.78 -8.37
CA SER A 60 -16.80 -20.29 -7.41
C SER A 60 -16.63 -18.80 -7.06
N PHE A 61 -15.41 -18.28 -7.16
CA PHE A 61 -15.18 -16.86 -6.88
C PHE A 61 -14.07 -16.26 -7.74
N ARG A 62 -14.22 -14.99 -8.10
CA ARG A 62 -13.23 -14.30 -8.92
C ARG A 62 -12.11 -13.74 -8.05
N THR A 63 -10.93 -13.62 -8.64
CA THR A 63 -9.77 -13.09 -7.93
C THR A 63 -9.83 -11.57 -7.79
N GLU A 64 -9.26 -11.06 -6.70
CA GLU A 64 -9.23 -9.61 -6.48
C GLU A 64 -8.18 -8.98 -7.39
N LYS A 65 -7.36 -9.84 -7.99
CA LYS A 65 -6.31 -9.35 -8.88
C LYS A 65 -6.91 -8.67 -10.10
N ASP A 66 -8.20 -8.91 -10.35
CA ASP A 66 -8.87 -8.29 -11.49
C ASP A 66 -9.71 -7.09 -11.07
N ALA A 67 -9.48 -6.60 -9.86
CA ALA A 67 -10.20 -5.42 -9.38
C ALA A 67 -9.62 -4.21 -10.11
N PHE A 68 -10.41 -3.15 -10.24
CA PHE A 68 -9.94 -1.94 -10.91
C PHE A 68 -8.68 -1.37 -10.26
N GLY A 69 -8.56 -1.53 -8.95
CA GLY A 69 -7.40 -1.01 -8.24
C GLY A 69 -6.21 -1.96 -8.19
N ASN A 70 -6.36 -3.16 -8.74
CA ASN A 70 -5.29 -4.14 -8.75
C ASN A 70 -4.83 -4.58 -10.14
N ALA A 71 -5.78 -4.69 -11.06
CA ALA A 71 -5.46 -5.14 -12.41
C ALA A 71 -4.43 -4.24 -13.10
N ASN A 72 -3.40 -4.87 -13.64
CA ASN A 72 -2.35 -4.14 -14.36
C ASN A 72 -1.66 -3.12 -13.46
N SER A 73 -1.66 -3.39 -12.15
CA SER A 73 -1.01 -2.51 -11.18
C SER A 73 -0.36 -3.32 -10.07
N ALA A 74 -1.16 -4.11 -9.35
CA ALA A 74 -0.63 -4.93 -8.27
C ALA A 74 0.44 -5.87 -8.83
N ARG A 75 1.53 -6.03 -8.09
CA ARG A 75 2.62 -6.89 -8.56
C ARG A 75 3.43 -7.46 -7.40
N GLY A 76 4.33 -8.39 -7.72
CA GLY A 76 5.17 -9.00 -6.71
C GLY A 76 4.65 -10.31 -6.17
N PHE A 77 3.56 -10.82 -6.74
CA PHE A 77 2.99 -12.08 -6.30
C PHE A 77 3.96 -13.26 -6.27
N PRO A 78 4.83 -13.37 -7.30
CA PRO A 78 5.78 -14.49 -7.32
C PRO A 78 6.79 -14.37 -6.18
N VAL A 79 7.14 -13.13 -5.82
CA VAL A 79 8.07 -12.89 -4.73
C VAL A 79 7.47 -13.40 -3.42
N ILE A 80 6.18 -13.17 -3.24
CA ILE A 80 5.49 -13.63 -2.03
C ILE A 80 5.50 -15.15 -2.02
N ASP A 81 5.32 -15.77 -3.19
CA ASP A 81 5.33 -17.23 -3.29
C ASP A 81 6.68 -17.76 -2.85
N ARG A 82 7.74 -17.04 -3.26
CA ARG A 82 9.10 -17.44 -2.93
C ARG A 82 9.37 -17.43 -1.43
N MET A 83 9.04 -16.35 -0.75
CA MET A 83 9.27 -16.29 0.68
C MET A 83 8.37 -17.26 1.43
N LYS A 84 7.15 -17.46 0.93
CA LYS A 84 6.23 -18.40 1.57
C LYS A 84 6.83 -19.80 1.51
N ALA A 85 7.40 -20.16 0.36
CA ALA A 85 8.01 -21.48 0.20
C ALA A 85 9.18 -21.63 1.16
N ALA A 86 10.01 -20.59 1.23
CA ALA A 86 11.17 -20.61 2.12
C ALA A 86 10.74 -20.74 3.58
N VAL A 87 9.68 -20.02 3.94
CA VAL A 87 9.18 -20.07 5.31
C VAL A 87 8.53 -21.41 5.62
N GLU A 88 7.89 -22.02 4.62
CA GLU A 88 7.26 -23.31 4.82
C GLU A 88 8.31 -24.39 5.04
N SER A 89 9.51 -24.16 4.51
CA SER A 89 10.60 -25.11 4.68
C SER A 89 11.18 -24.95 6.08
N ALA A 90 11.31 -23.70 6.52
CA ALA A 90 11.84 -23.43 7.86
C ALA A 90 10.85 -23.86 8.93
N CYS A 91 9.57 -23.57 8.71
CA CYS A 91 8.54 -23.94 9.68
C CYS A 91 7.24 -24.34 9.00
N PRO A 92 7.09 -25.63 8.66
CA PRO A 92 5.91 -26.19 8.00
C PRO A 92 4.55 -25.84 8.62
N ARG A 93 3.62 -25.42 7.77
CA ARG A 93 2.26 -25.08 8.19
C ARG A 93 2.17 -24.21 9.44
N THR A 94 3.00 -23.18 9.51
CA THR A 94 3.01 -22.31 10.69
C THR A 94 2.63 -20.85 10.47
N VAL A 95 3.28 -20.22 9.50
CA VAL A 95 3.03 -18.81 9.21
C VAL A 95 1.98 -18.62 8.13
N SER A 96 0.92 -17.89 8.48
CA SER A 96 -0.16 -17.62 7.54
C SER A 96 0.33 -16.68 6.44
N CYS A 97 -0.34 -16.71 5.29
CA CYS A 97 0.02 -15.82 4.20
C CYS A 97 -0.31 -14.39 4.62
N ALA A 98 -1.37 -14.24 5.39
CA ALA A 98 -1.78 -12.91 5.87
C ALA A 98 -0.67 -12.29 6.73
N ASP A 99 -0.11 -13.07 7.63
CA ASP A 99 0.97 -12.58 8.48
C ASP A 99 2.24 -12.37 7.67
N LEU A 100 2.53 -13.30 6.78
CA LEU A 100 3.71 -13.22 5.92
C LEU A 100 3.73 -11.90 5.16
N LEU A 101 2.60 -11.55 4.56
CA LEU A 101 2.49 -10.32 3.78
C LEU A 101 2.63 -9.08 4.67
N THR A 102 2.17 -9.20 5.92
CA THR A 102 2.28 -8.08 6.85
C THR A 102 3.75 -7.87 7.20
N ILE A 103 4.46 -8.97 7.47
CA ILE A 103 5.88 -8.89 7.80
C ILE A 103 6.65 -8.36 6.59
N ALA A 104 6.29 -8.85 5.40
CA ALA A 104 6.94 -8.43 4.17
C ALA A 104 6.78 -6.93 3.95
N ALA A 105 5.60 -6.40 4.30
CA ALA A 105 5.34 -4.98 4.13
C ALA A 105 6.23 -4.16 5.08
N GLN A 106 6.31 -4.59 6.33
CA GLN A 106 7.11 -3.89 7.32
C GLN A 106 8.59 -3.95 6.93
N GLN A 107 9.07 -5.14 6.58
CA GLN A 107 10.48 -5.31 6.20
C GLN A 107 10.79 -4.50 4.94
N SER A 108 9.83 -4.40 4.03
CA SER A 108 10.02 -3.64 2.80
C SER A 108 10.22 -2.17 3.15
N VAL A 109 9.40 -1.67 4.07
CA VAL A 109 9.50 -0.29 4.51
C VAL A 109 10.86 -0.03 5.16
N THR A 110 11.29 -0.94 6.02
CA THR A 110 12.57 -0.80 6.70
C THR A 110 13.75 -0.87 5.72
N LEU A 111 13.71 -1.83 4.80
CA LEU A 111 14.80 -1.97 3.82
C LEU A 111 14.92 -0.71 2.96
N ALA A 112 13.80 -0.04 2.73
CA ALA A 112 13.78 1.18 1.93
C ALA A 112 14.23 2.39 2.74
N GLY A 113 14.65 2.17 3.97
CA GLY A 113 15.11 3.26 4.82
C GLY A 113 14.09 3.79 5.81
N GLY A 114 12.93 3.13 5.90
CA GLY A 114 11.91 3.58 6.82
C GLY A 114 12.09 3.06 8.23
N PRO A 115 11.10 3.29 9.12
CA PRO A 115 11.20 2.82 10.51
C PRO A 115 11.22 1.30 10.61
N SER A 116 11.74 0.81 11.72
CA SER A 116 11.82 -0.62 11.98
C SER A 116 10.99 -0.92 13.24
N TRP A 117 10.11 -1.91 13.14
CA TRP A 117 9.28 -2.29 14.28
C TRP A 117 8.77 -3.70 14.10
N ARG A 118 8.23 -4.28 15.17
CA ARG A 118 7.68 -5.63 15.11
C ARG A 118 6.18 -5.54 14.96
N VAL A 119 5.66 -6.02 13.84
CA VAL A 119 4.23 -5.98 13.59
C VAL A 119 3.45 -7.02 14.41
N PRO A 120 2.21 -6.68 14.78
CA PRO A 120 1.39 -7.63 15.55
C PRO A 120 1.16 -8.81 14.60
N LEU A 121 1.10 -10.02 15.16
CA LEU A 121 0.91 -11.21 14.35
C LEU A 121 -0.13 -12.16 14.93
N GLY A 122 -0.54 -13.13 14.13
CA GLY A 122 -1.55 -14.09 14.55
C GLY A 122 -2.74 -14.10 13.60
N ARG A 123 -2.61 -13.43 12.46
CA ARG A 123 -3.69 -13.40 11.48
C ARG A 123 -3.77 -14.73 10.77
N ARG A 124 -4.95 -15.07 10.28
CA ARG A 124 -5.13 -16.31 9.54
C ARG A 124 -5.67 -16.01 8.14
N ASP A 125 -5.58 -16.99 7.26
CA ASP A 125 -5.98 -16.82 5.87
C ASP A 125 -7.43 -17.07 5.49
N SER A 126 -7.94 -16.17 4.65
CA SER A 126 -9.31 -16.25 4.17
C SER A 126 -9.61 -17.54 3.41
N LEU A 127 -10.90 -17.86 3.33
CA LEU A 127 -11.37 -19.06 2.65
C LEU A 127 -11.97 -18.70 1.29
N GLN A 128 -11.85 -17.42 0.91
CA GLN A 128 -12.39 -16.94 -0.36
C GLN A 128 -11.79 -15.58 -0.70
N ALA A 129 -12.00 -15.13 -1.94
CA ALA A 129 -11.51 -13.83 -2.39
C ALA A 129 -12.72 -12.93 -2.59
N PHE A 130 -12.52 -11.62 -2.53
CA PHE A 130 -13.65 -10.69 -2.64
C PHE A 130 -13.49 -9.60 -3.71
N LEU A 131 -13.72 -9.97 -4.97
CA LEU A 131 -13.57 -9.02 -6.06
C LEU A 131 -14.53 -7.83 -5.97
N ASP A 132 -15.81 -8.07 -5.78
CA ASP A 132 -16.76 -6.97 -5.69
C ASP A 132 -16.42 -6.04 -4.54
N LEU A 133 -16.08 -6.63 -3.39
CA LEU A 133 -15.75 -5.82 -2.23
C LEU A 133 -14.50 -4.98 -2.51
N ALA A 134 -13.55 -5.54 -3.25
CA ALA A 134 -12.35 -4.80 -3.57
C ALA A 134 -12.68 -3.61 -4.46
N ASN A 135 -13.56 -3.81 -5.44
CA ASN A 135 -13.93 -2.71 -6.32
C ASN A 135 -14.67 -1.62 -5.55
N ALA A 136 -15.39 -2.01 -4.50
CA ALA A 136 -16.13 -1.06 -3.71
C ALA A 136 -15.27 -0.36 -2.66
N ASN A 137 -14.35 -1.10 -2.06
CA ASN A 137 -13.51 -0.58 -0.98
C ASN A 137 -12.18 0.10 -1.29
N LEU A 138 -11.52 -0.29 -2.38
CA LEU A 138 -10.23 0.30 -2.71
C LEU A 138 -10.37 1.74 -3.20
N PRO A 139 -9.66 2.69 -2.54
CA PRO A 139 -9.77 4.08 -2.99
C PRO A 139 -9.10 4.30 -4.33
N ALA A 140 -9.55 5.30 -5.07
CA ALA A 140 -9.01 5.62 -6.39
C ALA A 140 -8.28 6.95 -6.38
N PRO A 141 -7.29 7.12 -7.28
CA PRO A 141 -6.52 8.36 -7.36
C PRO A 141 -7.34 9.62 -7.63
N PHE A 142 -8.53 9.45 -8.20
CA PHE A 142 -9.38 10.59 -8.50
C PHE A 142 -10.35 10.94 -7.37
N PHE A 143 -10.19 10.29 -6.22
CA PHE A 143 -11.04 10.56 -5.07
C PHE A 143 -10.79 11.95 -4.48
N THR A 144 -11.84 12.60 -4.01
CA THR A 144 -11.70 13.90 -3.37
C THR A 144 -11.34 13.56 -1.92
N LEU A 145 -10.97 14.56 -1.11
CA LEU A 145 -10.61 14.27 0.27
C LEU A 145 -11.79 13.63 1.02
N PRO A 146 -13.01 14.17 0.85
CA PRO A 146 -14.15 13.56 1.55
C PRO A 146 -14.29 12.08 1.18
N GLN A 147 -14.05 11.76 -0.09
CA GLN A 147 -14.16 10.37 -0.54
C GLN A 147 -13.04 9.52 0.05
N LEU A 148 -11.85 10.10 0.17
CA LEU A 148 -10.71 9.38 0.75
C LEU A 148 -11.04 9.09 2.21
N LYS A 149 -11.54 10.08 2.91
CA LYS A 149 -11.90 9.91 4.31
C LYS A 149 -12.98 8.83 4.45
N ASP A 150 -13.98 8.88 3.58
CA ASP A 150 -15.05 7.88 3.60
C ASP A 150 -14.50 6.48 3.38
N SER A 151 -13.58 6.33 2.43
CA SER A 151 -13.02 5.02 2.13
C SER A 151 -12.27 4.43 3.33
N PHE A 152 -11.52 5.27 4.04
CA PHE A 152 -10.78 4.79 5.20
C PHE A 152 -11.73 4.45 6.35
N ARG A 153 -12.70 5.32 6.59
CA ARG A 153 -13.67 5.08 7.65
C ARG A 153 -14.45 3.79 7.38
N ASN A 154 -14.76 3.56 6.12
CA ASN A 154 -15.51 2.38 5.71
C ASN A 154 -14.87 1.07 6.17
N VAL A 155 -13.54 1.03 6.19
CA VAL A 155 -12.85 -0.19 6.63
C VAL A 155 -12.46 -0.17 8.10
N GLY A 156 -12.75 0.93 8.80
CA GLY A 156 -12.44 0.98 10.21
C GLY A 156 -11.42 1.99 10.70
N LEU A 157 -10.85 2.77 9.78
CA LEU A 157 -9.85 3.77 10.15
C LEU A 157 -10.49 5.16 10.17
N ASN A 158 -10.92 5.60 11.34
CA ASN A 158 -11.58 6.89 11.49
C ASN A 158 -10.71 8.14 11.51
N ARG A 159 -9.45 7.97 11.92
CA ARG A 159 -8.55 9.10 12.08
C ARG A 159 -7.91 9.67 10.83
N SER A 160 -7.94 10.99 10.74
CA SER A 160 -7.32 11.65 9.60
C SER A 160 -5.81 11.37 9.62
N SER A 161 -5.28 11.08 10.81
CA SER A 161 -3.86 10.75 10.92
C SER A 161 -3.62 9.42 10.22
N ASP A 162 -4.60 8.52 10.25
CA ASP A 162 -4.47 7.23 9.57
C ASP A 162 -4.27 7.52 8.08
N LEU A 163 -5.17 8.32 7.53
CA LEU A 163 -5.13 8.68 6.12
C LEU A 163 -3.86 9.41 5.70
N VAL A 164 -3.51 10.46 6.43
CA VAL A 164 -2.32 11.23 6.08
C VAL A 164 -1.04 10.42 6.23
N ALA A 165 -0.94 9.67 7.32
CA ALA A 165 0.26 8.86 7.55
C ALA A 165 0.41 7.72 6.54
N LEU A 166 -0.64 6.94 6.35
CA LEU A 166 -0.57 5.82 5.42
C LEU A 166 -0.36 6.28 3.97
N SER A 167 -0.85 7.47 3.64
CA SER A 167 -0.67 7.99 2.29
C SER A 167 0.82 8.20 2.04
N GLY A 168 1.60 8.19 3.13
CA GLY A 168 3.04 8.36 3.02
C GLY A 168 3.67 7.18 2.31
N GLY A 169 2.86 6.15 2.05
CA GLY A 169 3.37 4.99 1.34
C GLY A 169 3.77 5.41 -0.05
N HIS A 170 3.30 6.57 -0.47
CA HIS A 170 3.63 7.09 -1.79
C HIS A 170 4.95 7.87 -1.74
N THR A 171 5.76 7.56 -0.74
CA THR A 171 7.06 8.21 -0.63
C THR A 171 7.99 7.46 -1.59
N PHE A 172 7.53 6.34 -2.12
CA PHE A 172 8.32 5.60 -3.09
C PHE A 172 7.37 4.85 -4.03
N GLY A 173 7.90 4.14 -5.00
CA GLY A 173 7.03 3.42 -5.92
C GLY A 173 6.70 4.16 -7.20
N LYS A 174 5.95 3.50 -8.08
CA LYS A 174 5.58 4.06 -9.38
C LYS A 174 4.08 4.24 -9.57
N ASN A 175 3.73 5.11 -10.53
CA ASN A 175 2.35 5.40 -10.88
C ASN A 175 2.26 5.56 -12.40
N GLN A 176 1.21 5.00 -13.01
CA GLN A 176 1.03 5.09 -14.45
C GLN A 176 0.49 6.44 -14.91
N CYS A 177 0.95 6.89 -16.06
CA CYS A 177 0.51 8.15 -16.63
C CYS A 177 -1.02 8.23 -16.65
N ARG A 178 -1.63 7.08 -16.93
CA ARG A 178 -3.08 6.94 -17.00
C ARG A 178 -3.81 7.68 -15.88
N PHE A 179 -3.29 7.56 -14.66
CA PHE A 179 -3.94 8.15 -13.50
C PHE A 179 -3.78 9.64 -13.25
N ILE A 180 -3.01 10.33 -14.08
CA ILE A 180 -2.83 11.78 -13.90
C ILE A 180 -3.13 12.59 -15.17
N MET A 181 -3.53 11.91 -16.23
CA MET A 181 -3.84 12.59 -17.50
C MET A 181 -4.86 13.71 -17.33
N ASP A 182 -5.82 13.52 -16.45
CA ASP A 182 -6.84 14.55 -16.23
C ASP A 182 -6.20 15.77 -15.59
N ARG A 183 -5.38 15.54 -14.56
CA ARG A 183 -4.71 16.64 -13.86
C ARG A 183 -3.82 17.44 -14.81
N LEU A 184 -3.20 16.75 -15.76
CA LEU A 184 -2.30 17.42 -16.69
C LEU A 184 -2.93 18.18 -17.84
N TYR A 185 -4.08 17.72 -18.33
CA TYR A 185 -4.69 18.35 -19.49
C TYR A 185 -6.14 18.82 -19.42
N ASN A 186 -6.95 18.14 -18.62
CA ASN A 186 -8.36 18.50 -18.52
C ASN A 186 -8.90 17.95 -17.21
N PHE A 187 -8.78 18.75 -16.16
CA PHE A 187 -9.23 18.34 -14.84
C PHE A 187 -10.70 18.68 -14.61
N SER A 188 -11.47 17.66 -14.22
CA SER A 188 -12.89 17.84 -13.96
C SER A 188 -13.62 18.59 -15.06
N ASN A 189 -13.35 18.21 -16.31
CA ASN A 189 -13.99 18.81 -17.47
C ASN A 189 -13.86 20.33 -17.54
N THR A 190 -12.82 20.87 -16.92
CA THR A 190 -12.59 22.31 -16.91
C THR A 190 -11.83 22.75 -18.16
N GLY A 191 -11.19 21.79 -18.83
CA GLY A 191 -10.42 22.10 -20.02
C GLY A 191 -9.10 22.74 -19.62
N LEU A 192 -8.73 22.56 -18.36
CA LEU A 192 -7.49 23.12 -17.82
C LEU A 192 -6.84 22.11 -16.88
N PRO A 193 -5.52 22.26 -16.65
CA PRO A 193 -4.86 21.33 -15.74
C PRO A 193 -5.30 21.62 -14.31
N ASP A 194 -5.09 20.66 -13.41
CA ASP A 194 -5.44 20.81 -12.01
C ASP A 194 -4.67 22.01 -11.45
N PRO A 195 -5.37 23.05 -10.97
CA PRO A 195 -4.69 24.23 -10.42
C PRO A 195 -3.86 23.96 -9.17
N THR A 196 -4.07 22.82 -8.53
CA THR A 196 -3.32 22.50 -7.33
C THR A 196 -2.01 21.78 -7.65
N LEU A 197 -1.71 21.66 -8.93
CA LEU A 197 -0.47 21.02 -9.36
C LEU A 197 0.51 22.13 -9.74
N ASN A 198 1.67 22.14 -9.09
CA ASN A 198 2.71 23.13 -9.35
C ASN A 198 2.96 23.21 -10.85
N THR A 199 2.90 24.42 -11.40
CA THR A 199 3.08 24.63 -12.84
C THR A 199 4.40 24.17 -13.43
N THR A 200 5.48 24.26 -12.65
CA THR A 200 6.78 23.81 -13.13
C THR A 200 6.77 22.29 -13.21
N TYR A 201 6.25 21.65 -12.17
CA TYR A 201 6.17 20.18 -12.12
C TYR A 201 5.19 19.73 -13.19
N LEU A 202 4.18 20.55 -13.45
CA LEU A 202 3.19 20.25 -14.48
C LEU A 202 3.90 20.05 -15.82
N GLN A 203 4.86 20.91 -16.12
CA GLN A 203 5.61 20.82 -17.36
C GLN A 203 6.36 19.50 -17.43
N THR A 204 7.04 19.16 -16.34
CA THR A 204 7.81 17.93 -16.26
C THR A 204 6.93 16.71 -16.50
N LEU A 205 5.79 16.67 -15.82
CA LEU A 205 4.86 15.56 -15.96
C LEU A 205 4.27 15.44 -17.36
N ARG A 206 3.99 16.58 -17.99
CA ARG A 206 3.43 16.58 -19.34
C ARG A 206 4.47 15.99 -20.30
N GLY A 207 5.75 16.22 -20.00
CA GLY A 207 6.81 15.68 -20.83
C GLY A 207 6.93 14.18 -20.69
N LEU A 208 6.62 13.67 -19.51
CA LEU A 208 6.68 12.23 -19.24
C LEU A 208 5.39 11.54 -19.68
N CYS A 209 4.30 12.30 -19.64
CA CYS A 209 2.99 11.79 -20.00
C CYS A 209 2.29 12.68 -21.02
N PRO A 210 2.79 12.69 -22.26
CA PRO A 210 2.17 13.53 -23.29
C PRO A 210 0.76 13.06 -23.62
N LEU A 211 -0.08 13.98 -24.08
CA LEU A 211 -1.45 13.64 -24.44
C LEU A 211 -1.39 12.62 -25.58
N ASN A 212 -2.23 11.60 -25.49
CA ASN A 212 -2.28 10.55 -26.52
C ASN A 212 -1.04 9.66 -26.51
N GLY A 213 -0.26 9.73 -25.43
CA GLY A 213 0.94 8.92 -25.34
C GLY A 213 0.69 7.59 -24.65
N ASN A 214 1.76 6.93 -24.23
CA ASN A 214 1.66 5.64 -23.55
C ASN A 214 1.13 5.85 -22.13
N LEU A 215 -0.13 5.48 -21.91
CA LEU A 215 -0.76 5.64 -20.61
C LEU A 215 -0.20 4.70 -19.55
N SER A 216 0.50 3.66 -19.99
CA SER A 216 1.09 2.70 -19.08
C SER A 216 2.48 3.08 -18.63
N ALA A 217 3.02 4.17 -19.19
CA ALA A 217 4.36 4.62 -18.79
C ALA A 217 4.34 4.94 -17.29
N LEU A 218 5.44 4.66 -16.61
CA LEU A 218 5.52 4.88 -15.17
C LEU A 218 6.25 6.16 -14.74
N VAL A 219 5.73 6.79 -13.70
CA VAL A 219 6.30 8.01 -13.13
C VAL A 219 6.48 7.80 -11.63
N ASP A 220 7.51 8.41 -11.05
CA ASP A 220 7.77 8.28 -9.62
C ASP A 220 6.79 9.09 -8.78
N PHE A 221 6.29 8.46 -7.71
CA PHE A 221 5.37 9.12 -6.79
C PHE A 221 6.04 10.29 -6.08
N ASP A 222 7.31 10.11 -5.74
CA ASP A 222 8.08 11.14 -5.04
C ASP A 222 9.24 11.62 -5.91
N LEU A 223 9.15 12.86 -6.38
CA LEU A 223 10.19 13.40 -7.24
C LEU A 223 11.50 13.69 -6.48
N ARG A 224 11.44 13.75 -5.16
CA ARG A 224 12.64 14.02 -4.36
C ARG A 224 13.48 12.75 -4.17
N THR A 225 12.90 11.73 -3.57
CA THR A 225 13.62 10.46 -3.39
C THR A 225 12.71 9.31 -3.80
N PRO A 226 12.68 9.01 -5.11
CA PRO A 226 11.87 7.95 -5.72
C PRO A 226 11.84 6.56 -5.08
N THR A 227 12.93 6.12 -4.49
CA THR A 227 12.96 4.77 -3.92
C THR A 227 13.27 4.68 -2.43
N ILE A 228 13.43 5.83 -1.78
CA ILE A 228 13.74 5.86 -0.36
C ILE A 228 12.50 6.13 0.47
N PHE A 229 12.31 5.38 1.56
CA PHE A 229 11.14 5.60 2.39
C PHE A 229 11.46 6.69 3.41
N ASP A 230 10.96 7.89 3.15
CA ASP A 230 11.19 9.04 4.03
C ASP A 230 10.01 9.99 3.99
N ASN A 231 10.13 11.12 4.69
CA ASN A 231 9.05 12.10 4.76
C ASN A 231 9.00 13.09 3.60
N LYS A 232 9.84 12.90 2.58
CA LYS A 232 9.87 13.82 1.45
C LYS A 232 8.51 13.95 0.76
N TYR A 233 7.70 12.91 0.83
CA TYR A 233 6.36 12.91 0.25
C TYR A 233 5.56 14.14 0.69
N TYR A 234 5.65 14.47 1.97
CA TYR A 234 4.92 15.59 2.54
C TYR A 234 5.51 16.94 2.16
N VAL A 235 6.83 17.00 2.01
CA VAL A 235 7.48 18.23 1.61
C VAL A 235 6.95 18.56 0.21
N ASN A 236 6.77 17.52 -0.61
CA ASN A 236 6.24 17.69 -1.96
C ASN A 236 4.85 18.29 -1.93
N LEU A 237 3.98 17.72 -1.09
CA LEU A 237 2.61 18.22 -1.00
C LEU A 237 2.56 19.70 -0.64
N GLU A 238 3.41 20.13 0.29
CA GLU A 238 3.45 21.53 0.70
C GLU A 238 3.79 22.46 -0.45
N GLU A 239 4.46 21.93 -1.47
CA GLU A 239 4.84 22.72 -2.64
C GLU A 239 3.93 22.44 -3.82
N GLN A 240 2.80 21.78 -3.56
CA GLN A 240 1.84 21.44 -4.60
C GLN A 240 2.45 20.45 -5.60
N LYS A 241 3.30 19.55 -5.10
CA LYS A 241 3.95 18.57 -5.95
C LYS A 241 3.54 17.12 -5.70
N GLY A 242 2.36 16.92 -5.14
CA GLY A 242 1.86 15.57 -4.93
C GLY A 242 1.59 15.08 -6.34
N LEU A 243 1.88 13.82 -6.64
CA LEU A 243 1.68 13.29 -8.00
C LEU A 243 0.23 13.10 -8.41
N ILE A 244 -0.53 12.32 -7.63
CA ILE A 244 -1.92 12.08 -7.98
C ILE A 244 -2.87 12.97 -7.19
N GLN A 245 -4.09 13.10 -7.68
CA GLN A 245 -5.10 13.93 -7.04
C GLN A 245 -5.24 13.63 -5.56
N SER A 246 -5.38 12.35 -5.22
CA SER A 246 -5.54 11.94 -3.84
C SER A 246 -4.39 12.35 -2.93
N ASP A 247 -3.19 12.52 -3.48
CA ASP A 247 -2.05 12.95 -2.69
C ASP A 247 -2.22 14.43 -2.36
N GLN A 248 -2.37 15.23 -3.41
CA GLN A 248 -2.50 16.68 -3.23
C GLN A 248 -3.73 17.11 -2.45
N GLU A 249 -4.79 16.32 -2.51
CA GLU A 249 -6.02 16.64 -1.80
C GLU A 249 -5.78 16.77 -0.29
N LEU A 250 -4.82 16.00 0.22
CA LEU A 250 -4.51 16.04 1.65
C LEU A 250 -4.10 17.42 2.13
N PHE A 251 -3.53 18.20 1.22
CA PHE A 251 -3.04 19.54 1.57
C PHE A 251 -3.87 20.68 0.96
N SER A 252 -4.47 20.43 -0.19
CA SER A 252 -5.22 21.47 -0.90
C SER A 252 -6.74 21.42 -0.90
N SER A 253 -7.33 20.32 -0.42
CA SER A 253 -8.78 20.21 -0.41
C SER A 253 -9.44 21.25 0.48
N PRO A 254 -10.63 21.73 0.09
CA PRO A 254 -11.34 22.71 0.92
C PRO A 254 -11.71 22.06 2.25
N ASN A 255 -11.66 20.74 2.28
CA ASN A 255 -11.99 19.95 3.46
C ASN A 255 -10.73 19.53 4.23
N ALA A 256 -9.60 20.14 3.89
CA ALA A 256 -8.33 19.79 4.52
C ALA A 256 -7.94 20.52 5.81
N THR A 257 -8.90 21.17 6.47
CA THR A 257 -8.58 21.88 7.70
C THR A 257 -7.89 20.95 8.70
N ASP A 258 -8.33 19.70 8.76
CA ASP A 258 -7.74 18.76 9.70
C ASP A 258 -6.49 18.03 9.20
N THR A 259 -6.34 17.89 7.89
CA THR A 259 -5.19 17.19 7.33
C THR A 259 -3.97 18.07 7.05
N ILE A 260 -4.19 19.35 6.80
CA ILE A 260 -3.08 20.27 6.53
C ILE A 260 -2.05 20.28 7.67
N PRO A 261 -2.51 20.41 8.93
CA PRO A 261 -1.55 20.41 10.03
C PRO A 261 -0.80 19.08 10.16
N LEU A 262 -1.45 17.98 9.77
CA LEU A 262 -0.80 16.68 9.84
C LEU A 262 0.27 16.58 8.75
N VAL A 263 -0.05 17.08 7.57
CA VAL A 263 0.90 17.07 6.46
C VAL A 263 2.14 17.88 6.87
N ARG A 264 1.90 19.05 7.44
CA ARG A 264 3.00 19.90 7.85
C ARG A 264 3.84 19.24 8.95
N SER A 265 3.18 18.65 9.95
CA SER A 265 3.89 18.01 11.04
C SER A 265 4.79 16.87 10.54
N PHE A 266 4.32 16.13 9.54
CA PHE A 266 5.11 15.03 9.00
C PHE A 266 6.21 15.53 8.09
N ALA A 267 5.97 16.67 7.45
CA ALA A 267 6.96 17.27 6.55
C ALA A 267 8.06 17.91 7.39
N ASN A 268 7.69 18.42 8.55
CA ASN A 268 8.64 19.08 9.44
C ASN A 268 9.53 18.14 10.25
N SER A 269 9.04 16.92 10.49
CA SER A 269 9.82 15.98 11.28
C SER A 269 9.74 14.52 10.85
N THR A 270 10.89 13.92 10.55
CA THR A 270 10.95 12.54 10.14
C THR A 270 10.43 11.63 11.26
N GLN A 271 10.84 11.93 12.49
CA GLN A 271 10.43 11.15 13.65
C GLN A 271 8.91 11.15 13.80
N THR A 272 8.32 12.33 13.67
CA THR A 272 6.87 12.45 13.81
C THR A 272 6.18 11.60 12.74
N PHE A 273 6.70 11.64 11.52
CA PHE A 273 6.11 10.85 10.45
C PHE A 273 6.26 9.35 10.70
N PHE A 274 7.50 8.92 10.91
CA PHE A 274 7.77 7.52 11.17
C PHE A 274 6.92 6.97 12.32
N ASN A 275 6.79 7.76 13.39
CA ASN A 275 5.98 7.36 14.54
C ASN A 275 4.54 7.16 14.11
N ALA A 276 3.99 8.14 13.40
CA ALA A 276 2.61 8.08 12.93
C ALA A 276 2.39 6.96 11.92
N PHE A 277 3.39 6.70 11.09
CA PHE A 277 3.29 5.65 10.08
C PHE A 277 3.18 4.28 10.74
N VAL A 278 4.02 4.02 11.73
CA VAL A 278 4.00 2.74 12.43
C VAL A 278 2.66 2.58 13.12
N GLU A 279 2.20 3.64 13.79
CA GLU A 279 0.93 3.59 14.50
C GLU A 279 -0.21 3.30 13.52
N ALA A 280 -0.23 4.02 12.39
CA ALA A 280 -1.27 3.82 11.40
C ALA A 280 -1.18 2.45 10.74
N MET A 281 0.05 2.01 10.46
CA MET A 281 0.25 0.70 9.85
C MET A 281 -0.30 -0.43 10.72
N ASP A 282 -0.04 -0.37 12.02
CA ASP A 282 -0.53 -1.40 12.92
C ASP A 282 -2.04 -1.34 13.05
N ARG A 283 -2.62 -0.15 12.95
CA ARG A 283 -4.06 -0.03 13.03
C ARG A 283 -4.66 -0.66 11.77
N MET A 284 -4.07 -0.37 10.61
CA MET A 284 -4.57 -0.96 9.36
C MET A 284 -4.38 -2.48 9.43
N GLY A 285 -3.25 -2.89 10.02
CA GLY A 285 -2.97 -4.30 10.13
C GLY A 285 -3.90 -5.03 11.09
N ASN A 286 -4.69 -4.26 11.83
CA ASN A 286 -5.61 -4.83 12.81
C ASN A 286 -7.05 -4.82 12.30
N ILE A 287 -7.23 -4.57 11.00
CA ILE A 287 -8.57 -4.55 10.42
C ILE A 287 -9.13 -5.94 10.24
N THR A 288 -10.25 -6.20 10.92
CA THR A 288 -11.00 -7.47 10.89
C THR A 288 -10.20 -8.72 10.56
N PRO A 289 -9.21 -9.05 11.40
CA PRO A 289 -8.42 -10.25 11.13
C PRO A 289 -9.12 -11.54 11.56
N LEU A 290 -8.75 -12.64 10.92
CA LEU A 290 -9.27 -13.94 11.30
C LEU A 290 -8.20 -14.40 12.28
N THR A 291 -8.60 -14.95 13.41
CA THR A 291 -7.65 -15.41 14.42
C THR A 291 -8.06 -16.72 15.07
N GLY A 292 -7.17 -17.27 15.87
CA GLY A 292 -7.45 -18.52 16.56
C GLY A 292 -7.57 -19.70 15.63
N THR A 293 -8.78 -20.21 15.47
CA THR A 293 -9.02 -21.35 14.59
C THR A 293 -9.81 -20.92 13.36
N GLN A 294 -10.07 -19.63 13.26
CA GLN A 294 -10.81 -19.08 12.11
C GLN A 294 -9.91 -19.09 10.88
N GLY A 295 -10.46 -19.43 9.73
CA GLY A 295 -9.65 -19.45 8.52
C GLY A 295 -8.57 -20.52 8.60
N GLN A 296 -7.56 -20.41 7.74
CA GLN A 296 -6.49 -21.41 7.72
C GLN A 296 -5.10 -20.82 7.71
N ILE A 297 -4.13 -21.72 7.70
CA ILE A 297 -2.73 -21.34 7.54
C ILE A 297 -2.56 -21.92 6.14
N ARG A 298 -2.76 -21.08 5.14
CA ARG A 298 -2.67 -21.49 3.73
C ARG A 298 -1.26 -21.97 3.42
N LEU A 299 -1.15 -23.10 2.70
CA LEU A 299 0.16 -23.64 2.34
C LEU A 299 0.70 -22.98 1.08
N ASN A 300 -0.21 -22.75 0.13
CA ASN A 300 0.08 -22.11 -1.14
C ASN A 300 -0.81 -20.87 -1.10
N CYS A 301 -0.20 -19.69 -0.99
CA CYS A 301 -0.99 -18.46 -0.89
C CYS A 301 -2.00 -18.23 -2.01
N ARG A 302 -1.84 -18.92 -3.13
CA ARG A 302 -2.77 -18.75 -4.26
C ARG A 302 -4.04 -19.57 -4.20
N VAL A 303 -4.05 -20.58 -3.34
CA VAL A 303 -5.22 -21.45 -3.24
C VAL A 303 -5.57 -21.82 -1.81
N VAL A 304 -6.86 -22.00 -1.56
CA VAL A 304 -7.33 -22.38 -0.24
C VAL A 304 -6.98 -23.86 -0.03
N ASN A 305 -6.58 -24.22 1.19
CA ASN A 305 -6.23 -25.61 1.46
C ASN A 305 -7.46 -26.48 1.24
N SER A 306 -7.26 -27.66 0.69
CA SER A 306 -8.36 -28.60 0.44
C SER A 306 -8.08 -29.90 1.18
CHA HEM B . 0.68 2.87 -5.99
CHB HEM B . -3.61 4.98 -5.30
CHC HEM B . -2.98 4.70 -0.53
CHD HEM B . 1.17 2.32 -1.23
C1A HEM B . -0.57 3.45 -6.25
C2A HEM B . -1.11 3.76 -7.57
C3A HEM B . -2.31 4.36 -7.37
C4A HEM B . -2.51 4.42 -5.94
CMA HEM B . -3.19 4.97 -8.46
CAA HEM B . -0.48 3.54 -8.93
CBA HEM B . -0.68 2.13 -9.42
CGA HEM B . -0.12 1.89 -10.80
O1A HEM B . 0.22 0.74 -11.12
O2A HEM B . -0.02 2.87 -11.58
C1B HEM B . -3.81 5.16 -3.93
C2B HEM B . -4.91 5.86 -3.34
C3B HEM B . -4.71 5.88 -2.00
C4B HEM B . -3.50 5.10 -1.76
CMB HEM B . -6.11 6.43 -4.10
CAB HEM B . -5.56 6.51 -1.09
CBB HEM B . -5.17 7.15 0.15
C1C HEM B . -1.83 3.94 -0.28
C2C HEM B . -1.45 3.39 1.02
C3C HEM B . -0.28 2.69 0.82
C4C HEM B . 0.02 2.81 -0.59
CMC HEM B . -2.33 3.46 2.27
CAC HEM B . 0.47 1.93 1.74
CBC HEM B . 0.64 2.27 3.12
C1D HEM B . 1.48 2.40 -2.59
C2D HEM B . 2.75 2.06 -3.18
C3D HEM B . 2.60 2.18 -4.53
C4D HEM B . 1.26 2.64 -4.75
CMD HEM B . 4.02 1.69 -2.43
CAD HEM B . 3.66 1.84 -5.58
CBD HEM B . 3.66 0.36 -5.87
CGD HEM B . 4.62 -0.02 -6.98
O1D HEM B . 4.66 -1.23 -7.32
O2D HEM B . 5.33 0.85 -7.51
NA HEM B . -1.42 3.89 -5.27
NB HEM B . -2.94 4.72 -2.96
NC HEM B . -0.96 3.52 -1.26
ND HEM B . 0.60 2.84 -3.55
FE HEM B . -1.17 3.77 -3.25
CA CA C . -8.03 -8.93 2.29
CA CA D . 10.84 9.21 -0.75
C CMO E . -2.05 2.22 -3.41
O CMO E . -2.68 1.29 -3.66
#